data_1WY5
#
_entry.id   1WY5
#
_cell.length_a   81.963
_cell.length_b   81.963
_cell.length_c   302.578
_cell.angle_alpha   90.00
_cell.angle_beta   90.00
_cell.angle_gamma   90.00
#
_symmetry.space_group_name_H-M   'P 41 21 2'
#
loop_
_entity.id
_entity.type
_entity.pdbx_description
1 polymer 'Hypothetical UPF0072 protein AQ_1887'
2 water water
#
_entity_poly.entity_id   1
_entity_poly.type   'polypeptide(L)'
_entity_poly.pdbx_seq_one_letter_code
;MNPESRVIRKVLALQNDEKIFSGERRVLIAFSGGVDSVVLTDVLLKLKNYFSLKEVALAHFNHMLRESAERDEEFCKEFA
KERNMKIFVGKEDVRAFAKENRMSLEEAGRFLRYKFLKEILESEGFDCIATAHHLNDLLETSLLFFTRGTGLDGLIGFLP
KEEVIRRPLYYVKRSEIEEYAKFKGLRWVEDETNYEVSIPRNRIRHRVIPELKRINENLEDTFLKMVKVLRAEREFLEEE
AQKLYKEVKKGNCLDVKKLKEKPLALQRRVIRKFIGEKDYEKVELVRSLLEKGGEVNLGKGKVLKRKERWLCFSPEV
;
_entity_poly.pdbx_strand_id   A,B
#
# COMPACT_ATOMS: atom_id res chain seq x y z
N MET A 1 -21.35 -25.95 -2.20
CA MET A 1 -21.02 -24.50 -2.15
C MET A 1 -21.59 -23.75 -3.35
N ASN A 2 -22.82 -23.26 -3.23
CA ASN A 2 -23.45 -22.51 -4.32
C ASN A 2 -23.31 -21.00 -4.08
N PRO A 3 -23.74 -20.18 -5.06
CA PRO A 3 -23.66 -18.73 -4.96
C PRO A 3 -24.23 -18.13 -3.68
N GLU A 4 -25.34 -18.70 -3.21
CA GLU A 4 -25.99 -18.22 -2.00
C GLU A 4 -25.15 -18.41 -0.73
N SER A 5 -24.79 -19.66 -0.44
CA SER A 5 -24.02 -19.94 0.77
C SER A 5 -22.63 -19.35 0.76
N ARG A 6 -22.12 -19.02 -0.42
CA ARG A 6 -20.79 -18.41 -0.52
C ARG A 6 -20.81 -17.02 0.13
N VAL A 7 -21.89 -16.28 -0.10
CA VAL A 7 -22.05 -14.95 0.48
C VAL A 7 -22.36 -15.05 1.97
N ILE A 8 -23.36 -15.87 2.30
CA ILE A 8 -23.76 -16.07 3.69
C ILE A 8 -22.56 -16.48 4.56
N ARG A 9 -21.68 -17.32 4.02
CA ARG A 9 -20.51 -17.75 4.77
C ARG A 9 -19.58 -16.58 5.07
N LYS A 10 -19.47 -15.66 4.12
CA LYS A 10 -18.59 -14.50 4.30
C LYS A 10 -19.22 -13.48 5.25
N VAL A 11 -20.55 -13.39 5.22
CA VAL A 11 -21.24 -12.47 6.11
C VAL A 11 -21.14 -13.01 7.53
N LEU A 12 -21.41 -14.30 7.71
CA LEU A 12 -21.31 -14.89 9.05
C LEU A 12 -19.88 -14.79 9.60
N ALA A 13 -18.89 -14.98 8.72
CA ALA A 13 -17.48 -14.89 9.11
C ALA A 13 -17.12 -13.48 9.57
N LEU A 14 -17.71 -12.48 8.91
CA LEU A 14 -17.47 -11.09 9.25
C LEU A 14 -18.04 -10.86 10.66
N GLN A 15 -19.24 -11.39 10.90
CA GLN A 15 -19.89 -11.24 12.21
C GLN A 15 -19.04 -11.85 13.32
N ASN A 16 -18.47 -13.01 13.05
CA ASN A 16 -17.63 -13.68 14.01
C ASN A 16 -16.33 -12.89 14.25
N ASP A 17 -15.78 -12.31 13.17
CA ASP A 17 -14.54 -11.53 13.25
C ASP A 17 -14.69 -10.09 13.79
N GLU A 18 -15.80 -9.43 13.47
CA GLU A 18 -16.02 -8.04 13.88
C GLU A 18 -17.22 -7.71 14.78
N LYS A 19 -18.16 -8.64 14.95
CA LYS A 19 -19.35 -8.40 15.76
C LYS A 19 -20.10 -7.18 15.18
N ILE A 20 -20.45 -7.28 13.91
CA ILE A 20 -21.16 -6.22 13.22
C ILE A 20 -22.42 -5.86 13.99
N PHE A 21 -23.16 -6.89 14.39
CA PHE A 21 -24.38 -6.71 15.16
C PHE A 21 -24.16 -7.31 16.56
N SER A 22 -24.51 -6.53 17.59
CA SER A 22 -24.31 -7.00 18.96
C SER A 22 -25.22 -6.28 19.96
N GLY A 23 -26.49 -6.11 19.61
CA GLY A 23 -27.42 -5.44 20.50
C GLY A 23 -28.40 -4.56 19.75
N GLU A 24 -28.05 -4.19 18.52
CA GLU A 24 -28.95 -3.36 17.71
C GLU A 24 -30.24 -4.15 17.51
N ARG A 25 -31.36 -3.44 17.46
CA ARG A 25 -32.64 -4.10 17.25
C ARG A 25 -33.33 -3.60 15.99
N ARG A 26 -33.05 -2.35 15.63
CA ARG A 26 -33.66 -1.77 14.44
C ARG A 26 -32.61 -1.25 13.46
N VAL A 27 -32.56 -1.90 12.29
CA VAL A 27 -31.60 -1.58 11.24
C VAL A 27 -32.24 -0.89 10.03
N LEU A 28 -31.65 0.22 9.63
CA LEU A 28 -32.10 0.96 8.45
C LEU A 28 -31.13 0.63 7.31
N ILE A 29 -31.65 0.12 6.21
CA ILE A 29 -30.80 -0.22 5.09
C ILE A 29 -30.71 0.91 4.06
N ALA A 30 -29.48 1.22 3.62
CA ALA A 30 -29.24 2.24 2.61
C ALA A 30 -29.60 1.51 1.31
N PHE A 31 -30.88 1.53 0.97
CA PHE A 31 -31.42 0.84 -0.20
C PHE A 31 -31.53 1.67 -1.47
N SER A 32 -30.50 1.63 -2.30
CA SER A 32 -30.48 2.36 -3.56
C SER A 32 -31.32 1.67 -4.61
N GLY A 33 -31.39 0.34 -4.51
CA GLY A 33 -32.14 -0.43 -5.47
C GLY A 33 -31.26 -1.29 -6.38
N GLY A 34 -29.94 -1.08 -6.32
CA GLY A 34 -29.02 -1.88 -7.14
C GLY A 34 -28.79 -3.28 -6.59
N VAL A 35 -28.07 -4.13 -7.33
CA VAL A 35 -27.80 -5.50 -6.89
C VAL A 35 -27.24 -5.58 -5.49
N ASP A 36 -26.25 -4.73 -5.20
CA ASP A 36 -25.62 -4.71 -3.88
C ASP A 36 -26.69 -4.57 -2.81
N SER A 37 -27.52 -3.56 -3.01
CA SER A 37 -28.62 -3.21 -2.11
C SER A 37 -29.59 -4.38 -1.90
N VAL A 38 -30.02 -4.98 -3.01
CA VAL A 38 -30.98 -6.07 -3.00
C VAL A 38 -30.40 -7.32 -2.32
N VAL A 39 -29.15 -7.63 -2.60
CA VAL A 39 -28.50 -8.78 -1.98
C VAL A 39 -28.26 -8.55 -0.48
N LEU A 40 -27.88 -7.33 -0.11
CA LEU A 40 -27.65 -7.00 1.29
C LEU A 40 -28.96 -7.27 2.05
N THR A 41 -30.05 -6.74 1.50
CA THR A 41 -31.37 -6.88 2.08
C THR A 41 -31.84 -8.32 2.16
N ASP A 42 -31.66 -9.07 1.08
CA ASP A 42 -32.07 -10.47 1.05
C ASP A 42 -31.27 -11.24 2.12
N VAL A 43 -30.02 -10.85 2.32
CA VAL A 43 -29.17 -11.48 3.31
C VAL A 43 -29.61 -11.16 4.74
N LEU A 44 -29.83 -9.88 5.03
CA LEU A 44 -30.26 -9.46 6.36
C LEU A 44 -31.64 -9.97 6.75
N LEU A 45 -32.54 -10.12 5.78
CA LEU A 45 -33.87 -10.64 6.07
C LEU A 45 -33.77 -12.12 6.36
N LYS A 46 -32.78 -12.76 5.76
CA LYS A 46 -32.53 -14.19 5.95
C LYS A 46 -31.87 -14.45 7.31
N LEU A 47 -31.01 -13.52 7.75
CA LEU A 47 -30.29 -13.65 9.01
C LEU A 47 -30.82 -12.75 10.12
N LYS A 48 -32.03 -12.23 9.94
CA LYS A 48 -32.64 -11.35 10.94
C LYS A 48 -32.68 -11.95 12.34
N ASN A 49 -33.18 -13.17 12.48
CA ASN A 49 -33.24 -13.80 13.79
C ASN A 49 -31.84 -14.13 14.25
N TYR A 50 -31.04 -14.67 13.35
CA TYR A 50 -29.66 -15.01 13.64
C TYR A 50 -28.96 -13.86 14.39
N PHE A 51 -29.16 -12.63 13.92
CA PHE A 51 -28.55 -11.44 14.54
C PHE A 51 -29.36 -10.83 15.70
N SER A 52 -30.55 -11.37 15.97
CA SER A 52 -31.41 -10.86 17.04
C SER A 52 -31.94 -9.45 16.74
N LEU A 53 -32.25 -9.22 15.47
CA LEU A 53 -32.77 -7.94 15.04
C LEU A 53 -34.28 -8.02 15.11
N LYS A 54 -34.91 -6.90 15.47
CA LYS A 54 -36.36 -6.91 15.58
C LYS A 54 -37.02 -6.19 14.40
N GLU A 55 -36.25 -5.32 13.75
CA GLU A 55 -36.77 -4.58 12.61
C GLU A 55 -35.72 -4.20 11.58
N VAL A 56 -36.01 -4.54 10.33
CA VAL A 56 -35.13 -4.22 9.21
C VAL A 56 -36.00 -3.39 8.27
N ALA A 57 -35.62 -2.14 8.06
CA ALA A 57 -36.39 -1.25 7.20
C ALA A 57 -35.53 -0.70 6.08
N LEU A 58 -36.18 -0.25 5.01
CA LEU A 58 -35.47 0.28 3.87
C LEU A 58 -35.58 1.78 3.84
N ALA A 59 -34.54 2.41 3.30
CA ALA A 59 -34.53 3.86 3.15
C ALA A 59 -33.94 4.10 1.77
N HIS A 60 -34.77 4.66 0.88
CA HIS A 60 -34.34 4.98 -0.47
C HIS A 60 -34.29 6.48 -0.65
N PHE A 61 -33.18 6.95 -1.20
CA PHE A 61 -32.99 8.36 -1.45
C PHE A 61 -33.09 8.63 -2.95
N ASN A 62 -33.96 9.56 -3.33
CA ASN A 62 -34.14 9.91 -4.74
C ASN A 62 -33.27 11.13 -5.01
N HIS A 63 -32.24 10.96 -5.84
CA HIS A 63 -31.30 12.05 -6.15
C HIS A 63 -31.74 13.05 -7.22
N MET A 64 -32.90 12.81 -7.84
CA MET A 64 -33.41 13.70 -8.88
C MET A 64 -32.45 13.87 -10.06
N LEU A 65 -31.51 12.95 -10.23
CA LEU A 65 -30.53 13.04 -11.31
C LEU A 65 -31.10 12.74 -12.68
N ARG A 66 -31.95 11.72 -12.77
CA ARG A 66 -32.50 11.32 -14.06
C ARG A 66 -33.89 10.69 -13.95
N GLU A 67 -34.59 10.58 -15.06
CA GLU A 67 -35.93 9.99 -15.06
C GLU A 67 -35.94 8.62 -14.42
N SER A 68 -34.88 7.84 -14.59
CA SER A 68 -34.87 6.49 -14.02
C SER A 68 -35.00 6.53 -12.49
N ALA A 69 -34.80 7.71 -11.91
CA ALA A 69 -34.91 7.88 -10.47
C ALA A 69 -36.30 7.49 -9.99
N GLU A 70 -37.32 7.99 -10.70
CA GLU A 70 -38.70 7.70 -10.36
C GLU A 70 -38.96 6.20 -10.53
N ARG A 71 -38.35 5.62 -11.57
CA ARG A 71 -38.48 4.19 -11.84
C ARG A 71 -37.82 3.44 -10.67
N ASP A 72 -36.68 3.93 -10.22
CA ASP A 72 -35.96 3.34 -9.09
C ASP A 72 -36.81 3.38 -7.83
N GLU A 73 -37.43 4.52 -7.57
CA GLU A 73 -38.26 4.67 -6.37
C GLU A 73 -39.41 3.68 -6.38
N GLU A 74 -40.02 3.52 -7.56
CA GLU A 74 -41.13 2.60 -7.72
C GLU A 74 -40.69 1.17 -7.45
N PHE A 75 -39.52 0.81 -7.96
CA PHE A 75 -39.02 -0.54 -7.74
C PHE A 75 -38.79 -0.78 -6.25
N CYS A 76 -38.21 0.21 -5.58
CA CYS A 76 -37.94 0.10 -4.16
C CYS A 76 -39.23 -0.07 -3.37
N LYS A 77 -40.27 0.66 -3.72
CA LYS A 77 -41.52 0.54 -2.99
C LYS A 77 -42.14 -0.84 -3.20
N GLU A 78 -42.15 -1.34 -4.43
CA GLU A 78 -42.73 -2.66 -4.73
C GLU A 78 -41.93 -3.75 -4.02
N PHE A 79 -40.61 -3.54 -3.94
CA PHE A 79 -39.72 -4.48 -3.30
C PHE A 79 -40.01 -4.54 -1.80
N ALA A 80 -40.31 -3.38 -1.21
CA ALA A 80 -40.63 -3.30 0.21
C ALA A 80 -41.90 -4.10 0.49
N LYS A 81 -42.90 -3.92 -0.38
CA LYS A 81 -44.18 -4.61 -0.25
C LYS A 81 -44.06 -6.11 -0.46
N GLU A 82 -43.29 -6.54 -1.45
CA GLU A 82 -43.12 -7.97 -1.68
C GLU A 82 -42.43 -8.62 -0.49
N ARG A 83 -41.63 -7.82 0.24
CA ARG A 83 -40.89 -8.31 1.40
C ARG A 83 -41.59 -7.99 2.71
N ASN A 84 -42.64 -7.18 2.65
CA ASN A 84 -43.38 -6.77 3.85
C ASN A 84 -42.53 -5.94 4.82
N MET A 85 -41.76 -5.02 4.27
CA MET A 85 -40.92 -4.17 5.10
C MET A 85 -41.40 -2.74 4.96
N LYS A 86 -41.04 -1.93 5.93
CA LYS A 86 -41.37 -0.52 5.93
C LYS A 86 -40.31 0.15 5.07
N ILE A 87 -40.68 1.20 4.35
CA ILE A 87 -39.69 1.91 3.55
C ILE A 87 -39.86 3.41 3.72
N PHE A 88 -38.75 4.12 3.82
CA PHE A 88 -38.75 5.57 3.95
C PHE A 88 -38.11 6.16 2.70
N VAL A 89 -38.80 7.11 2.07
CA VAL A 89 -38.29 7.74 0.85
C VAL A 89 -37.90 9.20 1.04
N GLY A 90 -36.76 9.58 0.47
CA GLY A 90 -36.30 10.95 0.59
C GLY A 90 -35.99 11.53 -0.78
N LYS A 91 -35.76 12.83 -0.83
CA LYS A 91 -35.49 13.45 -2.11
C LYS A 91 -34.82 14.81 -1.97
N GLU A 92 -33.80 15.02 -2.79
CA GLU A 92 -33.07 16.27 -2.79
C GLU A 92 -32.42 16.37 -4.16
N ASP A 93 -32.27 17.58 -4.68
CA ASP A 93 -31.65 17.74 -5.99
C ASP A 93 -30.15 17.71 -5.78
N VAL A 94 -29.54 16.57 -6.03
CA VAL A 94 -28.10 16.43 -5.85
C VAL A 94 -27.28 17.28 -6.83
N ARG A 95 -27.60 17.22 -8.12
CA ARG A 95 -26.87 18.00 -9.12
C ARG A 95 -26.83 19.49 -8.73
N ALA A 96 -27.98 20.02 -8.34
CA ALA A 96 -28.11 21.42 -7.94
C ALA A 96 -27.22 21.75 -6.75
N PHE A 97 -27.27 20.91 -5.72
CA PHE A 97 -26.48 21.08 -4.51
C PHE A 97 -24.99 21.06 -4.85
N ALA A 98 -24.60 20.14 -5.74
CA ALA A 98 -23.21 20.02 -6.13
C ALA A 98 -22.70 21.30 -6.78
N LYS A 99 -23.54 21.92 -7.61
CA LYS A 99 -23.13 23.14 -8.30
C LYS A 99 -22.99 24.37 -7.41
N GLU A 100 -23.95 24.59 -6.49
CA GLU A 100 -23.87 25.74 -5.61
C GLU A 100 -22.84 25.58 -4.49
N ASN A 101 -22.21 24.42 -4.41
CA ASN A 101 -21.21 24.17 -3.39
C ASN A 101 -19.88 23.75 -4.00
N ARG A 102 -19.75 24.03 -5.30
CA ARG A 102 -18.55 23.72 -6.04
C ARG A 102 -17.97 22.36 -5.65
N MET A 103 -18.80 21.31 -5.67
CA MET A 103 -18.32 19.97 -5.36
C MET A 103 -18.80 18.98 -6.40
N SER A 104 -18.20 17.78 -6.42
CA SER A 104 -18.58 16.76 -7.39
C SER A 104 -19.94 16.12 -7.06
N LEU A 105 -20.49 15.39 -8.03
CA LEU A 105 -21.77 14.73 -7.82
C LEU A 105 -21.62 13.64 -6.77
N GLU A 106 -20.47 12.98 -6.76
CA GLU A 106 -20.23 11.90 -5.80
C GLU A 106 -20.25 12.42 -4.38
N GLU A 107 -19.50 13.49 -4.08
CA GLU A 107 -19.50 13.99 -2.71
C GLU A 107 -20.80 14.70 -2.31
N ALA A 108 -21.51 15.28 -3.28
CA ALA A 108 -22.77 15.95 -2.98
C ALA A 108 -23.82 14.87 -2.69
N GLY A 109 -23.81 13.83 -3.52
CA GLY A 109 -24.75 12.73 -3.37
C GLY A 109 -24.52 12.02 -2.06
N ARG A 110 -23.26 11.77 -1.74
CA ARG A 110 -22.90 11.10 -0.49
C ARG A 110 -23.38 11.95 0.70
N PHE A 111 -23.11 13.25 0.64
CA PHE A 111 -23.51 14.14 1.72
C PHE A 111 -25.02 14.20 1.98
N LEU A 112 -25.80 14.40 0.92
CA LEU A 112 -27.26 14.50 1.07
C LEU A 112 -27.91 13.17 1.41
N ARG A 113 -27.38 12.10 0.84
CA ARG A 113 -27.91 10.77 1.07
C ARG A 113 -27.76 10.36 2.55
N TYR A 114 -26.58 10.58 3.10
CA TYR A 114 -26.39 10.21 4.50
C TYR A 114 -27.08 11.17 5.46
N LYS A 115 -27.21 12.43 5.05
CA LYS A 115 -27.90 13.39 5.90
C LYS A 115 -29.32 12.82 6.06
N PHE A 116 -29.91 12.44 4.93
CA PHE A 116 -31.25 11.86 4.90
C PHE A 116 -31.31 10.57 5.74
N LEU A 117 -30.37 9.67 5.50
CA LEU A 117 -30.33 8.40 6.23
C LEU A 117 -30.24 8.64 7.73
N LYS A 118 -29.39 9.59 8.14
CA LYS A 118 -29.23 9.90 9.55
C LYS A 118 -30.45 10.56 10.17
N GLU A 119 -31.17 11.36 9.38
CA GLU A 119 -32.39 12.00 9.86
C GLU A 119 -33.44 10.95 10.15
N ILE A 120 -33.60 9.99 9.24
CA ILE A 120 -34.57 8.91 9.43
C ILE A 120 -34.17 8.06 10.64
N LEU A 121 -32.87 7.93 10.85
CA LEU A 121 -32.36 7.14 11.95
C LEU A 121 -32.77 7.72 13.30
N GLU A 122 -32.77 9.04 13.41
CA GLU A 122 -33.12 9.68 14.66
C GLU A 122 -34.62 9.89 14.86
N SER A 123 -35.30 10.40 13.84
CA SER A 123 -36.73 10.65 13.96
C SER A 123 -37.57 9.37 13.94
N GLU A 124 -36.95 8.24 13.57
CA GLU A 124 -37.67 6.98 13.51
C GLU A 124 -37.14 5.91 14.45
N GLY A 125 -36.15 6.28 15.26
CA GLY A 125 -35.60 5.34 16.23
C GLY A 125 -34.85 4.12 15.74
N PHE A 126 -33.89 4.31 14.84
CA PHE A 126 -33.10 3.17 14.37
C PHE A 126 -31.75 3.17 15.07
N ASP A 127 -31.17 1.99 15.23
CA ASP A 127 -29.91 1.84 15.93
C ASP A 127 -28.67 1.95 15.05
N CYS A 128 -28.83 1.76 13.75
CA CYS A 128 -27.69 1.83 12.85
C CYS A 128 -28.11 1.74 11.40
N ILE A 129 -27.15 1.95 10.52
CA ILE A 129 -27.39 1.92 9.08
C ILE A 129 -26.56 0.84 8.41
N ALA A 130 -27.24 -0.04 7.67
CA ALA A 130 -26.58 -1.11 6.93
C ALA A 130 -26.34 -0.65 5.50
N THR A 131 -25.09 -0.75 5.07
CA THR A 131 -24.68 -0.34 3.74
C THR A 131 -24.25 -1.56 2.91
N ALA A 132 -24.36 -1.49 1.59
CA ALA A 132 -23.97 -2.62 0.75
C ALA A 132 -22.50 -2.56 0.28
N HIS A 133 -21.70 -1.71 0.93
CA HIS A 133 -20.30 -1.59 0.58
C HIS A 133 -19.59 -2.92 0.65
N HIS A 134 -18.85 -3.26 -0.39
CA HIS A 134 -18.16 -4.54 -0.46
C HIS A 134 -16.66 -4.49 -0.76
N LEU A 135 -16.07 -5.67 -0.88
CA LEU A 135 -14.64 -5.80 -1.14
C LEU A 135 -14.16 -5.03 -2.37
N ASN A 136 -14.93 -5.00 -3.45
CA ASN A 136 -14.47 -4.25 -4.60
C ASN A 136 -14.50 -2.74 -4.34
N ASP A 137 -15.41 -2.29 -3.49
CA ASP A 137 -15.48 -0.87 -3.14
C ASP A 137 -14.26 -0.54 -2.30
N LEU A 138 -13.84 -1.49 -1.48
CA LEU A 138 -12.68 -1.31 -0.63
C LEU A 138 -11.41 -1.21 -1.47
N LEU A 139 -11.28 -2.10 -2.45
CA LEU A 139 -10.13 -2.14 -3.35
C LEU A 139 -10.00 -0.82 -4.10
N GLU A 140 -11.12 -0.31 -4.61
CA GLU A 140 -11.14 0.95 -5.34
C GLU A 140 -10.74 2.10 -4.41
N THR A 141 -11.27 2.08 -3.20
CA THR A 141 -10.96 3.10 -2.21
C THR A 141 -9.48 3.06 -1.80
N SER A 142 -8.94 1.86 -1.68
CA SER A 142 -7.54 1.71 -1.29
C SER A 142 -6.64 2.26 -2.39
N LEU A 143 -6.94 1.92 -3.64
CA LEU A 143 -6.17 2.39 -4.78
C LEU A 143 -6.28 3.90 -4.96
N LEU A 144 -7.41 4.50 -4.60
CA LEU A 144 -7.56 5.95 -4.72
C LEU A 144 -6.70 6.70 -3.69
N PHE A 145 -6.38 6.07 -2.56
CA PHE A 145 -5.54 6.71 -1.53
C PHE A 145 -4.07 6.54 -1.89
N PHE A 146 -3.74 5.41 -2.52
CA PHE A 146 -2.39 5.14 -2.93
C PHE A 146 -2.03 6.21 -3.97
N THR A 147 -2.99 6.49 -4.85
CA THR A 147 -2.84 7.47 -5.92
C THR A 147 -2.76 8.92 -5.47
N ARG A 148 -3.63 9.32 -4.56
CA ARG A 148 -3.70 10.70 -4.11
C ARG A 148 -2.86 11.08 -2.90
N GLY A 149 -2.35 10.09 -2.19
CA GLY A 149 -1.55 10.40 -1.01
C GLY A 149 -2.18 9.75 0.19
N THR A 150 -1.41 8.97 0.93
CA THR A 150 -1.96 8.28 2.07
C THR A 150 -0.90 7.61 2.94
N GLY A 151 -1.38 7.06 4.05
CA GLY A 151 -0.55 6.33 4.98
C GLY A 151 -1.31 5.03 5.17
N LEU A 152 -1.02 4.31 6.26
CA LEU A 152 -1.70 3.06 6.54
C LEU A 152 -3.23 3.20 6.51
N ASP A 153 -3.74 4.28 7.08
CA ASP A 153 -5.19 4.50 7.15
C ASP A 153 -5.92 4.47 5.81
N GLY A 154 -5.41 5.19 4.83
CA GLY A 154 -6.04 5.22 3.52
C GLY A 154 -5.97 3.88 2.81
N LEU A 155 -4.85 3.18 2.96
CA LEU A 155 -4.68 1.88 2.31
C LEU A 155 -5.66 0.83 2.84
N ILE A 156 -5.92 0.86 4.14
CA ILE A 156 -6.83 -0.09 4.77
C ILE A 156 -8.25 0.27 4.36
N GLY A 157 -8.46 1.53 4.01
CA GLY A 157 -9.78 1.95 3.58
C GLY A 157 -10.80 1.92 4.70
N PHE A 158 -12.07 1.91 4.33
CA PHE A 158 -13.16 1.89 5.29
C PHE A 158 -13.22 0.56 6.04
N LEU A 159 -13.76 0.61 7.26
CA LEU A 159 -13.88 -0.56 8.11
C LEU A 159 -15.27 -1.20 8.03
N PRO A 160 -15.38 -2.45 8.48
CA PRO A 160 -16.70 -3.10 8.42
C PRO A 160 -17.72 -2.47 9.35
N LYS A 161 -17.25 -1.89 10.45
CA LYS A 161 -18.13 -1.26 11.44
C LYS A 161 -17.59 0.16 11.69
N GLU A 162 -18.44 1.17 11.58
CA GLU A 162 -17.99 2.56 11.74
C GLU A 162 -19.09 3.49 12.29
N GLU A 163 -19.05 3.73 13.60
CA GLU A 163 -20.00 4.58 14.31
C GLU A 163 -21.36 4.76 13.65
N VAL A 164 -22.28 3.82 13.87
CA VAL A 164 -23.62 3.93 13.29
C VAL A 164 -23.80 3.21 11.96
N ILE A 165 -22.73 3.08 11.19
CA ILE A 165 -22.80 2.41 9.90
C ILE A 165 -22.27 0.98 10.01
N ARG A 166 -22.91 0.04 9.30
CA ARG A 166 -22.51 -1.36 9.28
C ARG A 166 -22.37 -1.83 7.83
N ARG A 167 -21.28 -2.54 7.53
CA ARG A 167 -21.03 -3.01 6.16
C ARG A 167 -20.86 -4.53 6.15
N PRO A 168 -21.99 -5.27 6.19
CA PRO A 168 -22.08 -6.73 6.21
C PRO A 168 -21.46 -7.46 5.02
N LEU A 169 -21.44 -6.81 3.86
CA LEU A 169 -20.89 -7.39 2.63
C LEU A 169 -19.40 -7.10 2.43
N TYR A 170 -18.79 -6.52 3.46
CA TYR A 170 -17.36 -6.16 3.44
C TYR A 170 -16.41 -7.19 2.80
N TYR A 171 -16.55 -8.46 3.15
CA TYR A 171 -15.69 -9.51 2.61
C TYR A 171 -16.09 -9.99 1.21
N VAL A 172 -17.33 -9.71 0.82
CA VAL A 172 -17.87 -10.16 -0.45
C VAL A 172 -17.46 -9.32 -1.64
N LYS A 173 -17.14 -9.97 -2.76
CA LYS A 173 -16.77 -9.21 -3.94
C LYS A 173 -17.95 -9.04 -4.88
N ARG A 174 -17.90 -7.99 -5.68
CA ARG A 174 -18.96 -7.64 -6.61
C ARG A 174 -19.50 -8.82 -7.39
N SER A 175 -18.63 -9.62 -7.99
CA SER A 175 -19.09 -10.76 -8.79
C SER A 175 -19.81 -11.84 -7.99
N GLU A 176 -19.46 -12.02 -6.73
CA GLU A 176 -20.14 -13.02 -5.91
C GLU A 176 -21.55 -12.51 -5.61
N ILE A 177 -21.67 -11.19 -5.48
CA ILE A 177 -22.95 -10.53 -5.22
C ILE A 177 -23.87 -10.72 -6.43
N GLU A 178 -23.34 -10.56 -7.63
CA GLU A 178 -24.13 -10.73 -8.83
C GLU A 178 -24.55 -12.18 -9.01
N GLU A 179 -23.66 -13.10 -8.68
CA GLU A 179 -23.97 -14.52 -8.79
C GLU A 179 -25.02 -14.95 -7.77
N TYR A 180 -25.02 -14.28 -6.63
CA TYR A 180 -26.00 -14.55 -5.58
C TYR A 180 -27.39 -14.15 -6.10
N ALA A 181 -27.50 -12.93 -6.62
CA ALA A 181 -28.78 -12.44 -7.14
C ALA A 181 -29.32 -13.26 -8.30
N LYS A 182 -28.46 -13.62 -9.25
CA LYS A 182 -28.91 -14.42 -10.37
C LYS A 182 -29.36 -15.79 -9.87
N PHE A 183 -28.51 -16.46 -9.09
CA PHE A 183 -28.84 -17.76 -8.55
C PHE A 183 -30.21 -17.78 -7.86
N LYS A 184 -30.46 -16.81 -6.98
CA LYS A 184 -31.74 -16.73 -6.26
C LYS A 184 -32.84 -16.08 -7.07
N GLY A 185 -32.52 -15.67 -8.29
CA GLY A 185 -33.53 -15.04 -9.14
C GLY A 185 -34.03 -13.69 -8.66
N LEU A 186 -33.16 -12.92 -8.01
CA LEU A 186 -33.55 -11.60 -7.54
C LEU A 186 -33.67 -10.59 -8.68
N ARG A 187 -34.33 -9.48 -8.41
CA ARG A 187 -34.51 -8.43 -9.41
C ARG A 187 -33.93 -7.14 -8.83
N TRP A 188 -33.33 -6.34 -9.70
CA TRP A 188 -32.78 -5.07 -9.26
C TRP A 188 -32.84 -4.00 -10.34
N VAL A 189 -32.25 -2.87 -10.02
CA VAL A 189 -32.28 -1.72 -10.89
C VAL A 189 -30.90 -1.05 -10.96
N GLU A 190 -30.67 -0.26 -12.01
CA GLU A 190 -29.42 0.47 -12.16
C GLU A 190 -29.68 1.80 -11.46
N ASP A 191 -29.48 1.83 -10.15
CA ASP A 191 -29.73 3.03 -9.36
C ASP A 191 -28.92 4.26 -9.77
N GLU A 192 -29.38 5.43 -9.34
CA GLU A 192 -28.73 6.71 -9.66
C GLU A 192 -27.29 6.85 -9.18
N THR A 193 -26.88 5.97 -8.27
CA THR A 193 -25.53 5.98 -7.72
C THR A 193 -24.46 5.79 -8.81
N ASN A 194 -24.79 4.99 -9.81
CA ASN A 194 -23.87 4.74 -10.92
C ASN A 194 -23.56 6.00 -11.69
N TYR A 195 -24.42 7.00 -11.61
CA TYR A 195 -24.21 8.23 -12.36
C TYR A 195 -23.63 9.38 -11.55
N GLU A 196 -23.14 9.08 -10.35
CA GLU A 196 -22.53 10.10 -9.53
C GLU A 196 -21.04 9.78 -9.38
N VAL A 197 -20.67 8.57 -9.77
CA VAL A 197 -19.29 8.11 -9.65
C VAL A 197 -18.32 9.16 -10.17
N SER A 198 -17.30 9.46 -9.38
CA SER A 198 -16.31 10.46 -9.80
C SER A 198 -15.44 9.90 -10.92
N ILE A 199 -14.85 10.80 -11.68
CA ILE A 199 -13.97 10.42 -12.78
C ILE A 199 -12.81 9.56 -12.30
N PRO A 200 -12.15 9.96 -11.20
CA PRO A 200 -11.02 9.16 -10.70
C PRO A 200 -11.39 7.71 -10.38
N ARG A 201 -12.54 7.52 -9.77
CA ARG A 201 -12.99 6.17 -9.41
C ARG A 201 -13.38 5.36 -10.64
N ASN A 202 -13.92 6.02 -11.66
CA ASN A 202 -14.28 5.31 -12.87
C ASN A 202 -13.01 4.86 -13.59
N ARG A 203 -11.98 5.69 -13.56
CA ARG A 203 -10.72 5.33 -14.20
C ARG A 203 -10.17 4.07 -13.54
N ILE A 204 -10.22 4.04 -12.23
CA ILE A 204 -9.72 2.90 -11.48
C ILE A 204 -10.58 1.67 -11.64
N ARG A 205 -11.89 1.87 -11.67
CA ARG A 205 -12.83 0.77 -11.78
C ARG A 205 -12.85 0.10 -13.16
N HIS A 206 -12.87 0.90 -14.22
CA HIS A 206 -12.97 0.37 -15.58
C HIS A 206 -11.69 0.33 -16.40
N ARG A 207 -10.59 0.85 -15.86
CA ARG A 207 -9.34 0.84 -16.59
C ARG A 207 -8.18 0.27 -15.81
N VAL A 208 -7.95 0.77 -14.60
CA VAL A 208 -6.85 0.26 -13.81
C VAL A 208 -7.07 -1.16 -13.26
N ILE A 209 -8.16 -1.36 -12.53
CA ILE A 209 -8.42 -2.69 -11.96
C ILE A 209 -8.45 -3.78 -13.04
N PRO A 210 -9.11 -3.54 -14.19
CA PRO A 210 -9.11 -4.59 -15.22
C PRO A 210 -7.68 -4.96 -15.64
N GLU A 211 -6.79 -3.96 -15.73
CA GLU A 211 -5.40 -4.22 -16.10
C GLU A 211 -4.68 -5.00 -15.01
N LEU A 212 -4.93 -4.65 -13.74
CA LEU A 212 -4.30 -5.33 -12.64
C LEU A 212 -4.75 -6.76 -12.57
N LYS A 213 -6.02 -7.00 -12.90
CA LYS A 213 -6.59 -8.35 -12.85
C LYS A 213 -6.07 -9.21 -13.99
N ARG A 214 -5.45 -8.59 -14.98
CA ARG A 214 -4.89 -9.33 -16.10
C ARG A 214 -3.54 -9.88 -15.62
N ILE A 215 -2.99 -9.25 -14.60
CA ILE A 215 -1.73 -9.66 -14.00
C ILE A 215 -2.07 -10.73 -12.94
N ASN A 216 -3.02 -10.40 -12.07
CA ASN A 216 -3.47 -11.31 -11.02
C ASN A 216 -4.98 -11.47 -11.07
N GLU A 217 -5.41 -12.64 -11.53
CA GLU A 217 -6.81 -13.00 -11.66
C GLU A 217 -7.63 -12.89 -10.36
N ASN A 218 -6.99 -13.14 -9.22
CA ASN A 218 -7.69 -13.08 -7.95
C ASN A 218 -7.25 -11.87 -7.13
N LEU A 219 -7.21 -10.71 -7.77
CA LEU A 219 -6.79 -9.46 -7.12
C LEU A 219 -7.52 -9.20 -5.81
N GLU A 220 -8.84 -9.36 -5.81
CA GLU A 220 -9.65 -9.11 -4.61
C GLU A 220 -9.27 -10.00 -3.42
N ASP A 221 -9.09 -11.30 -3.67
CA ASP A 221 -8.73 -12.22 -2.60
C ASP A 221 -7.37 -11.86 -2.04
N THR A 222 -6.47 -11.50 -2.93
CA THR A 222 -5.13 -11.11 -2.54
C THR A 222 -5.13 -9.80 -1.75
N PHE A 223 -5.87 -8.82 -2.26
CA PHE A 223 -5.99 -7.52 -1.63
C PHE A 223 -6.52 -7.65 -0.19
N LEU A 224 -7.56 -8.46 0.01
CA LEU A 224 -8.13 -8.65 1.34
C LEU A 224 -7.09 -9.11 2.35
N LYS A 225 -6.17 -9.97 1.92
CA LYS A 225 -5.13 -10.44 2.83
C LYS A 225 -4.22 -9.30 3.24
N MET A 226 -3.93 -8.39 2.30
CA MET A 226 -3.10 -7.23 2.58
C MET A 226 -3.80 -6.39 3.63
N VAL A 227 -5.08 -6.12 3.41
CA VAL A 227 -5.87 -5.33 4.35
C VAL A 227 -5.77 -5.91 5.75
N LYS A 228 -5.96 -7.22 5.89
CA LYS A 228 -5.88 -7.86 7.19
C LYS A 228 -4.49 -7.73 7.80
N VAL A 229 -3.45 -7.87 6.98
CA VAL A 229 -2.11 -7.72 7.52
C VAL A 229 -1.94 -6.26 7.97
N LEU A 230 -2.29 -5.32 7.10
CA LEU A 230 -2.17 -3.90 7.41
C LEU A 230 -2.94 -3.50 8.67
N ARG A 231 -4.17 -3.97 8.82
CA ARG A 231 -4.96 -3.64 10.01
C ARG A 231 -4.35 -4.12 11.33
N ALA A 232 -3.69 -5.28 11.33
CA ALA A 232 -3.08 -5.76 12.56
C ALA A 232 -1.84 -4.92 12.84
N GLU A 233 -1.10 -4.58 11.78
CA GLU A 233 0.09 -3.77 11.94
C GLU A 233 -0.28 -2.35 12.42
N ARG A 234 -1.40 -1.82 11.92
CA ARG A 234 -1.83 -0.48 12.33
C ARG A 234 -2.25 -0.53 13.80
N GLU A 235 -3.03 -1.54 14.15
CA GLU A 235 -3.50 -1.71 15.52
C GLU A 235 -2.30 -1.69 16.47
N PHE A 236 -1.26 -2.43 16.12
CA PHE A 236 -0.05 -2.48 16.93
C PHE A 236 0.61 -1.10 17.06
N LEU A 237 0.78 -0.42 15.93
CA LEU A 237 1.37 0.92 15.92
C LEU A 237 0.56 1.88 16.80
N GLU A 238 -0.76 1.75 16.77
CA GLU A 238 -1.62 2.60 17.58
C GLU A 238 -1.48 2.30 19.09
N GLU A 239 -1.47 1.01 19.45
CA GLU A 239 -1.33 0.61 20.85
C GLU A 239 0.00 1.08 21.42
N GLU A 240 1.05 0.98 20.62
CA GLU A 240 2.37 1.40 21.07
C GLU A 240 2.48 2.91 21.15
N ALA A 241 1.92 3.60 20.16
CA ALA A 241 1.96 5.05 20.14
C ALA A 241 1.20 5.62 21.32
N GLN A 242 0.20 4.87 21.80
CA GLN A 242 -0.62 5.30 22.92
C GLN A 242 0.13 5.18 24.24
N LYS A 243 0.87 4.09 24.42
CA LYS A 243 1.64 3.89 25.64
C LYS A 243 2.67 5.00 25.76
N LEU A 244 3.38 5.26 24.67
CA LEU A 244 4.42 6.27 24.64
C LEU A 244 3.80 7.65 24.85
N TYR A 245 2.60 7.84 24.33
CA TYR A 245 1.89 9.11 24.46
C TYR A 245 1.61 9.46 25.92
N LYS A 246 0.98 8.54 26.65
CA LYS A 246 0.67 8.80 28.05
C LYS A 246 1.89 8.55 28.93
N GLU A 247 3.07 8.60 28.31
CA GLU A 247 4.32 8.39 29.02
C GLU A 247 5.22 9.60 28.83
N VAL A 248 4.97 10.32 27.74
CA VAL A 248 5.74 11.51 27.40
C VAL A 248 4.91 12.77 27.58
N LYS A 249 3.61 12.61 27.78
CA LYS A 249 2.74 13.76 27.97
C LYS A 249 2.52 14.09 29.44
N LYS A 250 2.43 15.39 29.70
CA LYS A 250 2.20 15.92 31.04
C LYS A 250 1.57 17.30 30.90
N GLY A 251 0.26 17.34 31.18
CA GLY A 251 -0.46 18.59 31.04
C GLY A 251 -0.78 18.76 29.57
N ASN A 252 -0.27 19.84 28.97
CA ASN A 252 -0.49 20.12 27.55
C ASN A 252 0.86 20.09 26.86
N CYS A 253 1.84 19.44 27.46
CA CYS A 253 3.17 19.39 26.89
C CYS A 253 3.72 17.98 26.68
N LEU A 254 4.76 17.89 25.86
CA LEU A 254 5.41 16.62 25.55
C LEU A 254 6.87 16.65 25.96
N ASP A 255 7.32 15.60 26.64
CA ASP A 255 8.71 15.51 27.08
C ASP A 255 9.60 15.22 25.87
N VAL A 256 10.20 16.28 25.32
CA VAL A 256 11.05 16.16 24.15
C VAL A 256 12.30 15.31 24.38
N LYS A 257 12.85 15.33 25.58
CA LYS A 257 14.05 14.56 25.86
C LYS A 257 13.76 13.06 25.97
N LYS A 258 12.47 12.72 26.02
CA LYS A 258 12.06 11.33 26.08
C LYS A 258 11.61 10.85 24.69
N LEU A 259 10.82 11.68 24.03
CA LEU A 259 10.29 11.37 22.69
C LEU A 259 11.37 11.17 21.65
N LYS A 260 12.29 12.12 21.59
CA LYS A 260 13.40 12.12 20.63
C LYS A 260 14.21 10.82 20.61
N GLU A 261 14.22 10.09 21.72
CA GLU A 261 14.97 8.85 21.82
C GLU A 261 14.16 7.65 21.33
N LYS A 262 12.93 7.90 20.87
CA LYS A 262 12.06 6.83 20.40
C LYS A 262 12.07 6.64 18.88
N PRO A 263 11.55 5.51 18.38
CA PRO A 263 11.49 5.19 16.96
C PRO A 263 10.76 6.25 16.13
N LEU A 264 11.26 6.53 14.93
CA LEU A 264 10.66 7.53 14.06
C LEU A 264 9.14 7.36 13.93
N ALA A 265 8.71 6.12 13.68
CA ALA A 265 7.30 5.83 13.51
C ALA A 265 6.45 6.29 14.68
N LEU A 266 6.88 5.97 15.90
CA LEU A 266 6.12 6.38 17.08
C LEU A 266 6.22 7.89 17.34
N GLN A 267 7.32 8.50 16.94
CA GLN A 267 7.50 9.93 17.13
C GLN A 267 6.42 10.68 16.36
N ARG A 268 6.16 10.23 15.13
CA ARG A 268 5.16 10.84 14.27
C ARG A 268 3.74 10.56 14.74
N ARG A 269 3.51 9.34 15.22
CA ARG A 269 2.17 8.97 15.70
C ARG A 269 1.82 9.78 16.94
N VAL A 270 2.77 9.89 17.86
CA VAL A 270 2.58 10.65 19.08
C VAL A 270 2.29 12.10 18.74
N ILE A 271 3.02 12.61 17.76
CA ILE A 271 2.83 13.98 17.33
C ILE A 271 1.50 14.17 16.60
N ARG A 272 1.10 13.21 15.76
CA ARG A 272 -0.17 13.30 15.04
C ARG A 272 -1.30 13.52 16.04
N LYS A 273 -1.29 12.73 17.11
CA LYS A 273 -2.31 12.81 18.14
C LYS A 273 -2.22 14.10 18.93
N PHE A 274 -1.05 14.38 19.48
CA PHE A 274 -0.83 15.57 20.28
C PHE A 274 -1.26 16.87 19.58
N ILE A 275 -1.32 16.86 18.26
CA ILE A 275 -1.69 18.07 17.53
C ILE A 275 -2.92 17.94 16.63
N GLY A 276 -3.54 16.76 16.64
CA GLY A 276 -4.72 16.53 15.82
C GLY A 276 -4.54 16.94 14.37
N GLU A 277 -3.60 16.28 13.69
CA GLU A 277 -3.31 16.57 12.29
C GLU A 277 -2.59 15.39 11.65
N LYS A 278 -3.01 15.03 10.44
CA LYS A 278 -2.38 13.92 9.72
C LYS A 278 -1.42 14.37 8.62
N ASP A 279 -1.52 15.64 8.22
CA ASP A 279 -0.67 16.19 7.17
C ASP A 279 0.81 15.88 7.36
N TYR A 280 1.38 15.12 6.42
CA TYR A 280 2.78 14.74 6.47
C TYR A 280 3.65 15.96 6.72
N GLU A 281 3.28 17.06 6.11
CA GLU A 281 4.02 18.31 6.23
C GLU A 281 4.00 18.87 7.65
N LYS A 282 2.81 19.02 8.21
CA LYS A 282 2.68 19.56 9.56
C LYS A 282 3.36 18.72 10.62
N VAL A 283 3.19 17.39 10.54
CA VAL A 283 3.80 16.49 11.50
C VAL A 283 5.32 16.65 11.59
N GLU A 284 6.00 16.56 10.45
CA GLU A 284 7.46 16.69 10.40
C GLU A 284 7.94 18.09 10.81
N LEU A 285 7.19 19.11 10.44
CA LEU A 285 7.56 20.48 10.77
C LEU A 285 7.56 20.61 12.30
N VAL A 286 6.60 19.96 12.94
CA VAL A 286 6.47 19.96 14.39
C VAL A 286 7.51 19.01 14.97
N ARG A 287 7.73 17.89 14.31
CA ARG A 287 8.70 16.91 14.80
C ARG A 287 10.10 17.50 14.94
N SER A 288 10.45 18.42 14.04
CA SER A 288 11.78 19.04 14.08
C SER A 288 12.06 19.81 15.36
N LEU A 289 11.01 20.26 16.05
CA LEU A 289 11.20 21.01 17.29
C LEU A 289 11.67 20.08 18.40
N LEU A 290 11.87 18.81 18.07
CA LEU A 290 12.34 17.83 19.03
C LEU A 290 13.87 17.86 19.08
N GLU A 291 14.48 18.53 18.11
CA GLU A 291 15.94 18.60 18.04
C GLU A 291 16.49 20.02 18.11
N LYS A 292 15.63 21.02 17.88
CA LYS A 292 16.05 22.42 17.94
C LYS A 292 14.88 23.32 18.37
N GLY A 293 15.11 24.12 19.42
CA GLY A 293 14.07 25.01 19.91
C GLY A 293 13.43 25.86 18.82
N GLY A 294 12.26 26.42 19.13
CA GLY A 294 11.56 27.26 18.16
C GLY A 294 10.06 27.23 18.35
N GLU A 295 9.33 27.68 17.32
CA GLU A 295 7.88 27.71 17.36
C GLU A 295 7.28 27.30 16.02
N VAL A 296 6.04 26.82 16.04
CA VAL A 296 5.34 26.40 14.83
C VAL A 296 3.88 26.82 14.86
N ASN A 297 3.41 27.43 13.77
CA ASN A 297 2.02 27.89 13.70
C ASN A 297 1.21 27.20 12.60
N LEU A 298 0.05 26.69 12.99
CA LEU A 298 -0.87 26.01 12.08
C LEU A 298 -2.24 26.62 12.34
N GLY A 299 -2.28 27.53 13.31
CA GLY A 299 -3.50 28.18 13.73
C GLY A 299 -3.51 28.01 15.24
N LYS A 300 -2.45 27.35 15.71
CA LYS A 300 -2.21 27.04 17.12
C LYS A 300 -0.68 27.05 17.29
N GLY A 301 -0.20 27.43 18.47
CA GLY A 301 1.24 27.49 18.67
C GLY A 301 1.93 26.36 19.42
N LYS A 302 3.09 25.95 18.91
CA LYS A 302 3.89 24.90 19.51
C LYS A 302 5.27 25.43 19.83
N VAL A 303 5.54 25.70 21.11
CA VAL A 303 6.82 26.23 21.54
C VAL A 303 7.69 25.18 22.22
N LEU A 304 9.00 25.27 22.03
CA LEU A 304 9.92 24.34 22.67
C LEU A 304 10.51 25.07 23.87
N LYS A 305 10.04 24.72 25.06
CA LYS A 305 10.51 25.32 26.30
C LYS A 305 11.43 24.35 27.03
N ARG A 306 12.65 24.20 26.51
CA ARG A 306 13.64 23.29 27.10
C ARG A 306 13.05 21.99 27.65
N LYS A 307 13.10 20.93 26.85
CA LYS A 307 12.59 19.62 27.25
C LYS A 307 11.07 19.45 27.15
N GLU A 308 10.32 20.54 27.27
CA GLU A 308 8.86 20.45 27.18
C GLU A 308 8.38 21.04 25.86
N ARG A 309 7.06 21.06 25.66
CA ARG A 309 6.48 21.59 24.42
C ARG A 309 4.95 21.74 24.50
N TRP A 310 4.44 22.95 24.29
CA TRP A 310 3.00 23.22 24.37
C TRP A 310 2.18 23.22 23.08
N LEU A 311 0.87 23.05 23.27
CA LEU A 311 -0.19 23.04 22.26
C LEU A 311 -1.13 21.88 22.50
N MET B 1 16.30 27.02 -8.12
CA MET B 1 16.78 25.62 -8.13
C MET B 1 16.75 25.02 -9.53
N ASN B 2 17.92 24.75 -10.08
CA ASN B 2 18.06 24.19 -11.42
C ASN B 2 17.94 22.66 -11.42
N PRO B 3 17.92 22.03 -12.62
CA PRO B 3 17.82 20.58 -12.76
C PRO B 3 18.93 19.78 -12.06
N GLU B 4 20.11 20.38 -11.93
CA GLU B 4 21.23 19.69 -11.29
C GLU B 4 21.04 19.60 -9.77
N SER B 5 20.83 20.76 -9.15
CA SER B 5 20.66 20.79 -7.69
C SER B 5 19.40 20.04 -7.25
N ARG B 6 18.43 19.91 -8.16
CA ARG B 6 17.21 19.20 -7.82
C ARG B 6 17.52 17.71 -7.59
N VAL B 7 18.46 17.16 -8.37
CA VAL B 7 18.83 15.76 -8.21
C VAL B 7 19.88 15.58 -7.10
N ILE B 8 20.89 16.45 -7.08
CA ILE B 8 21.95 16.37 -6.08
C ILE B 8 21.40 16.54 -4.65
N ARG B 9 20.44 17.43 -4.49
CA ARG B 9 19.87 17.65 -3.15
C ARG B 9 19.16 16.40 -2.64
N LYS B 10 18.52 15.66 -3.55
CA LYS B 10 17.83 14.43 -3.18
C LYS B 10 18.86 13.35 -2.85
N VAL B 11 19.96 13.33 -3.60
CA VAL B 11 20.98 12.33 -3.33
C VAL B 11 21.67 12.65 -2.00
N LEU B 12 21.94 13.93 -1.75
CA LEU B 12 22.58 14.34 -0.50
C LEU B 12 21.66 14.01 0.67
N ALA B 13 20.37 14.26 0.49
CA ALA B 13 19.39 13.99 1.54
C ALA B 13 19.36 12.51 1.88
N LEU B 14 19.57 11.67 0.88
CA LEU B 14 19.57 10.21 1.09
C LEU B 14 20.81 9.82 1.89
N GLN B 15 21.97 10.34 1.48
CA GLN B 15 23.23 10.04 2.16
C GLN B 15 23.16 10.51 3.61
N ASN B 16 23.01 11.82 3.80
CA ASN B 16 22.91 12.39 5.13
C ASN B 16 21.53 11.99 5.59
N ASP B 17 21.44 10.79 6.14
CA ASP B 17 20.18 10.27 6.61
C ASP B 17 20.32 8.77 6.78
N GLU B 18 20.75 8.10 5.71
CA GLU B 18 20.90 6.66 5.71
C GLU B 18 22.30 6.14 5.51
N LYS B 19 23.23 7.04 5.25
CA LYS B 19 24.61 6.65 5.02
C LYS B 19 24.74 5.53 3.99
N ILE B 20 24.24 5.78 2.79
CA ILE B 20 24.32 4.80 1.71
C ILE B 20 25.79 4.41 1.54
N PHE B 21 26.67 5.40 1.72
CA PHE B 21 28.10 5.18 1.63
C PHE B 21 28.67 5.57 2.99
N SER B 22 29.35 4.62 3.64
CA SER B 22 29.93 4.83 4.96
C SER B 22 31.14 3.92 5.13
N GLY B 23 32.20 4.23 4.41
CA GLY B 23 33.40 3.40 4.52
C GLY B 23 33.80 2.75 3.21
N GLU B 24 32.84 2.50 2.32
CA GLU B 24 33.14 1.90 1.04
C GLU B 24 34.13 2.85 0.36
N ARG B 25 35.13 2.30 -0.32
CA ARG B 25 36.14 3.10 -0.98
C ARG B 25 36.12 2.95 -2.50
N ARG B 26 35.69 1.78 -2.96
CA ARG B 26 35.63 1.50 -4.39
C ARG B 26 34.23 1.06 -4.79
N VAL B 27 33.61 1.84 -5.67
CA VAL B 27 32.26 1.57 -6.14
C VAL B 27 32.27 1.13 -7.60
N LEU B 28 31.42 0.17 -7.92
CA LEU B 28 31.29 -0.32 -9.29
C LEU B 28 29.87 0.04 -9.75
N ILE B 29 29.78 0.81 -10.83
CA ILE B 29 28.48 1.22 -11.35
C ILE B 29 27.95 0.23 -12.39
N ALA B 30 26.66 -0.09 -12.29
CA ALA B 30 26.03 -0.96 -13.27
C ALA B 30 25.71 0.05 -14.38
N PHE B 31 26.59 0.12 -15.36
CA PHE B 31 26.46 1.07 -16.46
C PHE B 31 25.89 0.47 -17.74
N SER B 32 24.61 0.73 -17.99
CA SER B 32 23.93 0.25 -19.18
C SER B 32 24.20 1.19 -20.37
N GLY B 33 24.27 2.48 -20.10
CA GLY B 33 24.50 3.45 -21.14
C GLY B 33 23.34 4.38 -21.41
N GLY B 34 22.22 4.15 -20.73
CA GLY B 34 21.03 4.99 -20.89
C GLY B 34 21.05 6.16 -19.94
N VAL B 35 20.06 7.06 -20.03
CA VAL B 35 20.07 8.23 -19.17
C VAL B 35 20.27 7.96 -17.70
N ASP B 36 19.56 6.96 -17.18
CA ASP B 36 19.68 6.60 -15.78
C ASP B 36 21.13 6.36 -15.36
N SER B 37 21.82 5.52 -16.13
CA SER B 37 23.22 5.18 -15.90
C SER B 37 24.12 6.39 -15.98
N VAL B 38 23.96 7.14 -17.07
CA VAL B 38 24.75 8.33 -17.34
C VAL B 38 24.62 9.37 -16.23
N VAL B 39 23.40 9.61 -15.77
CA VAL B 39 23.16 10.56 -14.71
C VAL B 39 23.71 10.02 -13.36
N LEU B 40 23.48 8.74 -13.09
CA LEU B 40 23.99 8.13 -11.87
C LEU B 40 25.49 8.40 -11.77
N THR B 41 26.20 8.06 -12.85
CA THR B 41 27.64 8.25 -12.92
C THR B 41 28.06 9.71 -12.71
N ASP B 42 27.41 10.64 -13.42
CA ASP B 42 27.75 12.04 -13.29
C ASP B 42 27.56 12.49 -11.84
N VAL B 43 26.47 12.06 -11.22
CA VAL B 43 26.19 12.39 -9.82
C VAL B 43 27.27 11.83 -8.89
N LEU B 44 27.69 10.59 -9.11
CA LEU B 44 28.74 9.99 -8.27
C LEU B 44 30.12 10.61 -8.51
N LEU B 45 30.35 11.19 -9.67
CA LEU B 45 31.64 11.82 -9.90
C LEU B 45 31.64 13.17 -9.16
N LYS B 46 30.48 13.81 -9.09
CA LYS B 46 30.38 15.09 -8.40
C LYS B 46 30.46 14.91 -6.89
N LEU B 47 29.86 13.83 -6.40
CA LEU B 47 29.83 13.57 -4.97
C LEU B 47 30.85 12.57 -4.47
N LYS B 48 31.73 12.13 -5.36
CA LYS B 48 32.77 11.16 -5.03
C LYS B 48 33.54 11.49 -3.75
N ASN B 49 34.04 12.72 -3.63
CA ASN B 49 34.80 13.09 -2.45
C ASN B 49 33.92 13.20 -1.21
N TYR B 50 32.74 13.77 -1.39
CA TYR B 50 31.77 13.92 -0.31
C TYR B 50 31.44 12.57 0.32
N PHE B 51 31.41 11.53 -0.50
CA PHE B 51 31.10 10.18 -0.05
C PHE B 51 32.34 9.47 0.46
N SER B 52 33.50 10.13 0.36
CA SER B 52 34.78 9.58 0.77
C SER B 52 35.20 8.38 -0.08
N LEU B 53 34.80 8.39 -1.35
CA LEU B 53 35.16 7.29 -2.25
C LEU B 53 36.55 7.51 -2.87
N LYS B 54 37.26 6.41 -3.09
CA LYS B 54 38.60 6.50 -3.66
C LYS B 54 38.53 6.23 -5.16
N GLU B 55 37.58 5.40 -5.57
CA GLU B 55 37.44 5.07 -6.98
C GLU B 55 36.03 4.71 -7.40
N VAL B 56 35.63 5.22 -8.56
CA VAL B 56 34.33 4.95 -9.14
C VAL B 56 34.65 4.31 -10.51
N ALA B 57 34.18 3.09 -10.73
CA ALA B 57 34.44 2.41 -11.99
C ALA B 57 33.13 1.96 -12.61
N LEU B 58 33.18 1.63 -13.90
CA LEU B 58 32.01 1.20 -14.62
C LEU B 58 32.05 -0.28 -14.96
N ALA B 59 30.86 -0.83 -15.19
CA ALA B 59 30.72 -2.23 -15.57
C ALA B 59 29.57 -2.24 -16.58
N HIS B 60 29.88 -2.62 -17.82
CA HIS B 60 28.85 -2.66 -18.85
C HIS B 60 28.65 -4.09 -19.32
N PHE B 61 27.40 -4.52 -19.36
CA PHE B 61 27.06 -5.88 -19.77
C PHE B 61 26.31 -5.95 -21.11
N ASN B 62 26.91 -6.59 -22.11
CA ASN B 62 26.32 -6.75 -23.44
C ASN B 62 25.44 -8.01 -23.48
N HIS B 63 24.13 -7.82 -23.72
CA HIS B 63 23.16 -8.93 -23.77
C HIS B 63 23.08 -9.66 -25.12
N MET B 64 23.67 -9.09 -26.16
CA MET B 64 23.66 -9.68 -27.51
C MET B 64 22.22 -9.86 -28.02
N LEU B 65 21.34 -8.94 -27.64
CA LEU B 65 19.94 -9.03 -28.05
C LEU B 65 19.57 -8.19 -29.27
N ARG B 66 20.35 -7.15 -29.56
CA ARG B 66 20.08 -6.29 -30.71
C ARG B 66 21.36 -5.86 -31.40
N GLU B 67 21.31 -5.81 -32.73
CA GLU B 67 22.47 -5.42 -33.53
C GLU B 67 23.14 -4.11 -33.12
N SER B 68 22.55 -3.40 -32.16
CA SER B 68 23.14 -2.14 -31.71
C SER B 68 24.03 -2.37 -30.49
N ALA B 69 24.11 -3.63 -30.05
CA ALA B 69 24.92 -3.99 -28.89
C ALA B 69 26.38 -3.50 -28.96
N GLU B 70 27.05 -3.73 -30.09
CA GLU B 70 28.45 -3.29 -30.23
C GLU B 70 28.62 -1.78 -30.13
N ARG B 71 27.81 -1.02 -30.88
CA ARG B 71 27.86 0.45 -30.85
C ARG B 71 27.72 0.91 -29.40
N ASP B 72 26.75 0.31 -28.70
CA ASP B 72 26.46 0.62 -27.32
C ASP B 72 27.65 0.35 -26.40
N GLU B 73 28.29 -0.79 -26.60
CA GLU B 73 29.46 -1.15 -25.80
C GLU B 73 30.58 -0.16 -26.08
N GLU B 74 30.76 0.19 -27.35
CA GLU B 74 31.81 1.16 -27.71
C GLU B 74 31.58 2.50 -27.02
N PHE B 75 30.33 2.96 -27.06
CA PHE B 75 29.98 4.21 -26.42
C PHE B 75 30.37 4.16 -24.94
N CYS B 76 30.11 3.02 -24.31
CA CYS B 76 30.42 2.86 -22.89
C CYS B 76 31.91 2.89 -22.58
N LYS B 77 32.72 2.29 -23.45
CA LYS B 77 34.16 2.29 -23.25
C LYS B 77 34.71 3.71 -23.41
N GLU B 78 34.16 4.46 -24.39
CA GLU B 78 34.60 5.84 -24.62
C GLU B 78 34.14 6.73 -23.48
N PHE B 79 33.05 6.34 -22.84
CA PHE B 79 32.53 7.11 -21.72
C PHE B 79 33.55 7.05 -20.59
N ALA B 80 34.08 5.85 -20.36
CA ALA B 80 35.07 5.62 -19.33
C ALA B 80 36.38 6.28 -19.70
N LYS B 81 36.81 6.08 -20.94
CA LYS B 81 38.07 6.65 -21.40
C LYS B 81 38.12 8.17 -21.20
N GLU B 82 37.07 8.87 -21.61
CA GLU B 82 37.00 10.33 -21.51
C GLU B 82 37.14 10.89 -20.09
N ARG B 83 36.54 10.20 -19.12
CA ARG B 83 36.62 10.63 -17.73
C ARG B 83 37.74 9.92 -16.97
N ASN B 84 38.64 9.27 -17.70
CA ASN B 84 39.75 8.55 -17.08
C ASN B 84 39.28 7.53 -16.03
N MET B 85 38.23 6.78 -16.35
CA MET B 85 37.70 5.78 -15.44
C MET B 85 37.98 4.38 -15.96
N LYS B 86 37.95 3.41 -15.06
CA LYS B 86 38.17 2.03 -15.44
C LYS B 86 36.79 1.48 -15.79
N ILE B 87 36.75 0.60 -16.79
CA ILE B 87 35.48 0.00 -17.16
C ILE B 87 35.66 -1.49 -17.40
N PHE B 88 34.73 -2.28 -16.88
CA PHE B 88 34.77 -3.72 -17.07
C PHE B 88 33.63 -4.07 -18.00
N VAL B 89 33.91 -4.91 -18.99
CA VAL B 89 32.89 -5.29 -19.94
C VAL B 89 32.59 -6.78 -19.88
N GLY B 90 31.32 -7.12 -20.05
CA GLY B 90 30.90 -8.50 -20.02
C GLY B 90 30.08 -8.79 -21.27
N LYS B 91 29.93 -10.07 -21.60
CA LYS B 91 29.17 -10.42 -22.79
C LYS B 91 28.71 -11.87 -22.72
N GLU B 92 27.40 -12.09 -22.81
CA GLU B 92 26.87 -13.45 -22.75
C GLU B 92 25.70 -13.59 -23.72
N ASP B 93 25.55 -14.77 -24.30
CA ASP B 93 24.44 -15.03 -25.23
C ASP B 93 23.21 -15.31 -24.38
N VAL B 94 22.49 -14.25 -24.02
CA VAL B 94 21.31 -14.37 -23.18
C VAL B 94 20.18 -15.23 -23.78
N ARG B 95 20.07 -15.26 -25.10
CA ARG B 95 19.03 -16.08 -25.73
C ARG B 95 19.36 -17.56 -25.50
N ALA B 96 20.59 -17.93 -25.79
CA ALA B 96 21.05 -19.32 -25.61
C ALA B 96 20.89 -19.75 -24.16
N PHE B 97 21.27 -18.87 -23.23
CA PHE B 97 21.17 -19.19 -21.80
C PHE B 97 19.72 -19.34 -21.39
N ALA B 98 18.82 -18.58 -22.01
CA ALA B 98 17.41 -18.65 -21.69
C ALA B 98 16.81 -19.98 -22.11
N LYS B 99 17.13 -20.44 -23.31
CA LYS B 99 16.62 -21.72 -23.80
C LYS B 99 17.22 -22.85 -22.98
N GLU B 100 18.52 -22.77 -22.73
CA GLU B 100 19.25 -23.77 -21.97
C GLU B 100 18.64 -24.03 -20.59
N ASN B 101 18.29 -22.96 -19.88
CA ASN B 101 17.72 -23.08 -18.54
C ASN B 101 16.23 -22.89 -18.42
N ARG B 102 15.54 -22.94 -19.56
CA ARG B 102 14.09 -22.80 -19.57
C ARG B 102 13.60 -21.57 -18.82
N MET B 103 14.20 -20.42 -19.10
CA MET B 103 13.76 -19.18 -18.47
C MET B 103 13.57 -18.09 -19.52
N SER B 104 12.78 -17.07 -19.16
CA SER B 104 12.50 -15.96 -20.04
C SER B 104 13.75 -15.12 -20.30
N LEU B 105 13.76 -14.37 -21.39
CA LEU B 105 14.88 -13.50 -21.72
C LEU B 105 15.07 -12.48 -20.62
N GLU B 106 13.97 -12.07 -19.99
CA GLU B 106 14.04 -11.10 -18.92
C GLU B 106 14.81 -11.62 -17.71
N GLU B 107 14.42 -12.77 -17.18
CA GLU B 107 15.11 -13.30 -16.00
C GLU B 107 16.51 -13.83 -16.34
N ALA B 108 16.69 -14.28 -17.57
CA ALA B 108 17.99 -14.76 -18.00
C ALA B 108 18.93 -13.55 -18.00
N GLY B 109 18.49 -12.48 -18.66
CA GLY B 109 19.27 -11.27 -18.73
C GLY B 109 19.67 -10.75 -17.37
N ARG B 110 18.70 -10.58 -16.47
CA ARG B 110 19.01 -10.08 -15.13
C ARG B 110 19.97 -10.98 -14.38
N PHE B 111 19.77 -12.29 -14.50
CA PHE B 111 20.63 -13.26 -13.82
C PHE B 111 22.09 -13.15 -14.26
N LEU B 112 22.32 -13.26 -15.56
CA LEU B 112 23.67 -13.18 -16.09
C LEU B 112 24.32 -11.85 -15.78
N ARG B 113 23.56 -10.76 -15.90
CA ARG B 113 24.09 -9.43 -15.65
C ARG B 113 24.62 -9.28 -14.24
N TYR B 114 23.80 -9.63 -13.25
CA TYR B 114 24.24 -9.51 -11.86
C TYR B 114 25.33 -10.51 -11.50
N LYS B 115 25.36 -11.65 -12.19
CA LYS B 115 26.42 -12.61 -11.93
C LYS B 115 27.71 -11.94 -12.36
N PHE B 116 27.66 -11.32 -13.54
CA PHE B 116 28.79 -10.60 -14.12
C PHE B 116 29.26 -9.50 -13.16
N LEU B 117 28.33 -8.66 -12.70
CA LEU B 117 28.66 -7.57 -11.80
C LEU B 117 29.28 -8.06 -10.50
N LYS B 118 28.74 -9.13 -9.94
CA LYS B 118 29.27 -9.66 -8.70
C LYS B 118 30.62 -10.33 -8.88
N GLU B 119 30.85 -10.93 -10.04
CA GLU B 119 32.13 -11.57 -10.34
C GLU B 119 33.24 -10.52 -10.33
N ILE B 120 32.95 -9.36 -10.91
CA ILE B 120 33.89 -8.25 -10.97
C ILE B 120 34.13 -7.66 -9.60
N LEU B 121 33.06 -7.56 -8.81
CA LEU B 121 33.14 -7.03 -7.46
C LEU B 121 34.16 -7.81 -6.63
N GLU B 122 34.10 -9.14 -6.74
CA GLU B 122 35.00 -10.03 -6.02
C GLU B 122 36.42 -10.08 -6.57
N SER B 123 36.55 -10.34 -7.87
CA SER B 123 37.86 -10.46 -8.49
C SER B 123 38.63 -9.16 -8.69
N GLU B 124 37.97 -8.03 -8.51
CA GLU B 124 38.65 -6.75 -8.68
C GLU B 124 38.74 -5.98 -7.37
N GLY B 125 38.13 -6.53 -6.34
CA GLY B 125 38.17 -5.88 -5.04
C GLY B 125 37.33 -4.64 -4.86
N PHE B 126 36.07 -4.67 -5.30
CA PHE B 126 35.20 -3.52 -5.10
C PHE B 126 34.38 -3.76 -3.85
N ASP B 127 33.96 -2.68 -3.20
CA ASP B 127 33.19 -2.80 -1.98
C ASP B 127 31.69 -2.93 -2.22
N CYS B 128 31.20 -2.21 -3.21
CA CYS B 128 29.77 -2.26 -3.48
C CYS B 128 29.42 -1.90 -4.92
N ILE B 129 28.18 -2.20 -5.29
CA ILE B 129 27.67 -1.93 -6.62
C ILE B 129 26.61 -0.84 -6.54
N ALA B 130 26.75 0.18 -7.38
CA ALA B 130 25.79 1.28 -7.44
C ALA B 130 24.90 1.09 -8.65
N THR B 131 23.60 1.16 -8.42
CA THR B 131 22.61 0.97 -9.47
C THR B 131 21.82 2.27 -9.71
N ALA B 132 21.18 2.38 -10.87
CA ALA B 132 20.39 3.57 -11.18
C ALA B 132 18.91 3.43 -10.84
N HIS B 133 18.58 2.47 -9.98
CA HIS B 133 17.18 2.30 -9.58
C HIS B 133 16.69 3.54 -8.85
N HIS B 134 15.55 4.05 -9.31
CA HIS B 134 15.00 5.29 -8.75
C HIS B 134 13.53 5.25 -8.33
N LEU B 135 12.97 6.43 -8.07
CA LEU B 135 11.60 6.55 -7.60
C LEU B 135 10.54 5.94 -8.50
N ASN B 136 10.70 6.01 -9.81
CA ASN B 136 9.69 5.41 -10.67
C ASN B 136 9.78 3.89 -10.66
N ASP B 137 10.98 3.38 -10.42
CA ASP B 137 11.19 1.93 -10.34
C ASP B 137 10.52 1.41 -9.07
N LEU B 138 10.64 2.19 -8.00
CA LEU B 138 10.07 1.84 -6.72
C LEU B 138 8.53 1.83 -6.82
N LEU B 139 7.98 2.85 -7.48
CA LEU B 139 6.54 3.00 -7.67
C LEU B 139 6.03 1.75 -8.42
N GLU B 140 6.74 1.38 -9.49
CA GLU B 140 6.34 0.21 -10.28
C GLU B 140 6.30 -1.05 -9.42
N THR B 141 7.39 -1.28 -8.68
CA THR B 141 7.51 -2.43 -7.81
C THR B 141 6.42 -2.44 -6.73
N SER B 142 6.10 -1.26 -6.22
CA SER B 142 5.09 -1.12 -5.18
C SER B 142 3.74 -1.60 -5.72
N LEU B 143 3.37 -1.11 -6.89
CA LEU B 143 2.10 -1.53 -7.50
C LEU B 143 2.09 -3.02 -7.85
N LEU B 144 3.24 -3.58 -8.20
CA LEU B 144 3.27 -5.01 -8.51
C LEU B 144 2.96 -5.83 -7.27
N PHE B 145 3.48 -5.41 -6.11
CA PHE B 145 3.22 -6.12 -4.87
C PHE B 145 1.77 -5.96 -4.45
N PHE B 146 1.23 -4.76 -4.63
CA PHE B 146 -0.16 -4.50 -4.31
C PHE B 146 -0.99 -5.47 -5.13
N THR B 147 -0.61 -5.64 -6.38
CA THR B 147 -1.30 -6.52 -7.31
C THR B 147 -1.17 -8.02 -7.04
N ARG B 148 0.05 -8.49 -6.82
CA ARG B 148 0.29 -9.91 -6.58
C ARG B 148 0.12 -10.34 -5.14
N GLY B 149 -0.15 -9.38 -4.26
CA GLY B 149 -0.35 -9.70 -2.87
C GLY B 149 0.92 -9.49 -2.07
N THR B 150 0.77 -8.85 -0.91
CA THR B 150 1.91 -8.57 -0.06
C THR B 150 1.40 -8.01 1.26
N GLY B 151 2.23 -7.19 1.89
CA GLY B 151 1.89 -6.56 3.15
C GLY B 151 2.57 -5.20 3.18
N LEU B 152 3.29 -4.94 4.25
CA LEU B 152 4.00 -3.67 4.41
C LEU B 152 5.35 -3.72 3.70
N ASP B 153 6.08 -4.81 3.90
CA ASP B 153 7.41 -5.02 3.31
C ASP B 153 7.46 -4.97 1.78
N GLY B 154 6.31 -5.19 1.13
CA GLY B 154 6.28 -5.17 -0.31
C GLY B 154 5.82 -3.84 -0.90
N LEU B 155 4.96 -3.15 -0.17
CA LEU B 155 4.47 -1.85 -0.63
C LEU B 155 5.62 -0.87 -0.77
N ILE B 156 6.70 -1.15 -0.04
CA ILE B 156 7.87 -0.31 -0.08
C ILE B 156 8.61 -0.62 -1.40
N GLY B 157 8.79 -1.91 -1.70
CA GLY B 157 9.45 -2.29 -2.94
C GLY B 157 10.88 -2.78 -2.77
N PHE B 158 11.81 -1.85 -2.58
CA PHE B 158 13.19 -2.21 -2.35
C PHE B 158 13.80 -1.10 -1.53
N LEU B 159 15.00 -1.32 -1.02
CA LEU B 159 15.64 -0.33 -0.18
C LEU B 159 16.83 0.31 -0.87
N PRO B 160 17.26 1.48 -0.36
CA PRO B 160 18.39 2.20 -0.94
C PRO B 160 19.71 1.48 -0.74
N LYS B 161 19.77 0.67 0.31
CA LYS B 161 20.97 -0.09 0.65
C LYS B 161 20.54 -1.53 0.86
N GLU B 162 20.95 -2.40 -0.06
CA GLU B 162 20.56 -3.81 0.01
C GLU B 162 21.78 -4.71 -0.22
N GLU B 163 22.56 -4.91 0.84
CA GLU B 163 23.77 -5.74 0.83
C GLU B 163 24.56 -5.72 -0.48
N VAL B 164 25.69 -5.03 -0.48
CA VAL B 164 26.53 -4.93 -1.67
C VAL B 164 25.99 -3.96 -2.71
N ILE B 165 24.67 -3.78 -2.75
CA ILE B 165 24.05 -2.86 -3.69
C ILE B 165 23.62 -1.55 -3.06
N ARG B 166 23.84 -0.46 -3.78
CA ARG B 166 23.48 0.86 -3.31
C ARG B 166 22.66 1.52 -4.42
N ARG B 167 21.66 2.29 -4.03
CA ARG B 167 20.81 2.95 -5.01
C ARG B 167 20.67 4.44 -4.65
N PRO B 168 21.70 5.25 -4.96
CA PRO B 168 21.77 6.69 -4.70
C PRO B 168 20.61 7.52 -5.25
N LEU B 169 19.99 7.06 -6.33
CA LEU B 169 18.87 7.78 -6.97
C LEU B 169 17.49 7.36 -6.46
N TYR B 170 17.46 6.60 -5.36
CA TYR B 170 16.24 6.10 -4.75
C TYR B 170 15.05 7.08 -4.79
N TYR B 171 15.27 8.30 -4.31
CA TYR B 171 14.21 9.31 -4.24
C TYR B 171 14.00 10.14 -5.49
N VAL B 172 14.85 9.98 -6.50
CA VAL B 172 14.77 10.77 -7.73
C VAL B 172 13.77 10.27 -8.76
N LYS B 173 13.04 11.20 -9.35
CA LYS B 173 12.06 10.83 -10.38
C LYS B 173 12.71 10.74 -11.74
N ARG B 174 12.15 9.88 -12.59
CA ARG B 174 12.64 9.68 -13.94
C ARG B 174 12.71 11.04 -14.66
N SER B 175 11.63 11.80 -14.60
CA SER B 175 11.59 13.09 -15.26
C SER B 175 12.75 14.00 -14.77
N GLU B 176 13.14 13.85 -13.51
CA GLU B 176 14.23 14.66 -12.99
C GLU B 176 15.56 14.13 -13.53
N ILE B 177 15.64 12.83 -13.77
CA ILE B 177 16.85 12.26 -14.35
C ILE B 177 17.03 12.79 -15.77
N GLU B 178 15.93 12.86 -16.53
CA GLU B 178 15.99 13.36 -17.89
C GLU B 178 16.29 14.87 -17.97
N GLU B 179 15.67 15.67 -17.11
CA GLU B 179 15.94 17.11 -17.11
C GLU B 179 17.42 17.34 -16.77
N TYR B 180 17.94 16.56 -15.84
CA TYR B 180 19.35 16.67 -15.43
C TYR B 180 20.25 16.45 -16.65
N ALA B 181 19.96 15.37 -17.37
CA ALA B 181 20.73 15.01 -18.57
C ALA B 181 20.71 16.15 -19.60
N LYS B 182 19.53 16.70 -19.87
CA LYS B 182 19.39 17.80 -20.80
C LYS B 182 20.21 19.02 -20.33
N PHE B 183 19.94 19.44 -19.10
CA PHE B 183 20.60 20.57 -18.48
C PHE B 183 22.13 20.49 -18.50
N LYS B 184 22.67 19.28 -18.34
CA LYS B 184 24.12 19.11 -18.30
C LYS B 184 24.69 18.61 -19.62
N GLY B 185 23.83 18.46 -20.63
CA GLY B 185 24.30 17.99 -21.92
C GLY B 185 24.81 16.57 -21.95
N LEU B 186 24.27 15.70 -21.09
CA LEU B 186 24.70 14.30 -21.06
C LEU B 186 24.03 13.53 -22.18
N ARG B 187 24.85 12.85 -22.97
CA ARG B 187 24.33 12.05 -24.07
C ARG B 187 24.23 10.63 -23.51
N TRP B 188 23.47 9.76 -24.18
CA TRP B 188 23.28 8.39 -23.71
C TRP B 188 22.94 7.50 -24.91
N VAL B 189 22.80 6.21 -24.65
CA VAL B 189 22.50 5.26 -25.69
C VAL B 189 21.39 4.29 -25.26
N GLU B 190 21.03 3.37 -26.15
CA GLU B 190 20.00 2.39 -25.86
C GLU B 190 20.32 1.62 -24.57
N ASP B 191 19.33 1.49 -23.71
CA ASP B 191 19.49 0.82 -22.43
C ASP B 191 19.01 -0.62 -22.51
N GLU B 192 19.93 -1.58 -22.59
CA GLU B 192 19.57 -2.99 -22.68
C GLU B 192 18.79 -3.43 -21.45
N THR B 193 18.94 -2.69 -20.36
CA THR B 193 18.23 -3.00 -19.11
C THR B 193 16.74 -3.13 -19.35
N ASN B 194 16.20 -2.40 -20.33
CA ASN B 194 14.77 -2.47 -20.62
C ASN B 194 14.35 -3.80 -21.24
N TYR B 195 15.32 -4.67 -21.46
CA TYR B 195 15.05 -5.98 -22.04
C TYR B 195 14.97 -7.01 -20.93
N GLU B 196 14.98 -6.51 -19.70
CA GLU B 196 14.88 -7.35 -18.51
C GLU B 196 13.54 -7.08 -17.83
N VAL B 197 12.71 -6.28 -18.48
CA VAL B 197 11.39 -5.93 -17.95
C VAL B 197 10.32 -6.89 -18.44
N SER B 198 9.62 -7.52 -17.50
CA SER B 198 8.56 -8.47 -17.79
C SER B 198 7.26 -7.84 -18.25
N ILE B 199 6.36 -8.65 -18.77
CA ILE B 199 5.07 -8.18 -19.25
C ILE B 199 4.33 -7.41 -18.13
N PRO B 200 4.04 -8.06 -16.99
CA PRO B 200 3.34 -7.33 -15.93
C PRO B 200 3.97 -5.98 -15.57
N ARG B 201 5.30 -5.92 -15.50
CA ARG B 201 5.93 -4.66 -15.16
C ARG B 201 5.74 -3.64 -16.29
N ASN B 202 5.74 -4.08 -17.53
CA ASN B 202 5.52 -3.16 -18.63
C ASN B 202 4.11 -2.63 -18.60
N ARG B 203 3.16 -3.49 -18.22
CA ARG B 203 1.77 -3.07 -18.14
C ARG B 203 1.63 -1.95 -17.14
N ILE B 204 2.26 -2.10 -15.98
CA ILE B 204 2.17 -1.10 -14.94
C ILE B 204 2.88 0.19 -15.33
N ARG B 205 4.03 0.04 -15.99
CA ARG B 205 4.81 1.17 -16.41
C ARG B 205 4.17 1.96 -17.55
N HIS B 206 3.63 1.26 -18.54
CA HIS B 206 3.04 1.93 -19.70
C HIS B 206 1.54 2.06 -19.75
N ARG B 207 0.82 1.34 -18.91
CA ARG B 207 -0.63 1.44 -18.94
C ARG B 207 -1.24 1.97 -17.65
N VAL B 208 -0.87 1.39 -16.53
CA VAL B 208 -1.43 1.78 -15.24
C VAL B 208 -0.96 3.15 -14.71
N ILE B 209 0.34 3.33 -14.55
CA ILE B 209 0.85 4.59 -14.03
C ILE B 209 0.38 5.79 -14.85
N PRO B 210 0.42 5.70 -16.19
CA PRO B 210 -0.04 6.84 -16.97
C PRO B 210 -1.52 7.17 -16.65
N GLU B 211 -2.34 6.13 -16.40
CA GLU B 211 -3.75 6.35 -16.08
C GLU B 211 -3.90 6.97 -14.71
N LEU B 212 -3.13 6.47 -13.74
CA LEU B 212 -3.18 7.01 -12.39
C LEU B 212 -2.71 8.47 -12.38
N LYS B 213 -1.81 8.82 -13.30
CA LYS B 213 -1.31 10.18 -13.37
C LYS B 213 -2.37 11.13 -13.92
N ARG B 214 -3.42 10.57 -14.52
CA ARG B 214 -4.48 11.41 -15.02
C ARG B 214 -5.45 11.72 -13.85
N ILE B 215 -5.06 11.24 -12.67
CA ILE B 215 -5.83 11.49 -11.44
C ILE B 215 -4.97 12.41 -10.57
N ASN B 216 -3.70 12.03 -10.42
CA ASN B 216 -2.74 12.80 -9.64
C ASN B 216 -1.49 12.95 -10.51
N GLU B 217 -1.32 14.10 -11.14
CA GLU B 217 -0.15 14.28 -11.99
C GLU B 217 1.12 14.37 -11.15
N ASN B 218 0.96 14.38 -9.83
CA ASN B 218 2.11 14.45 -8.92
C ASN B 218 2.25 13.15 -8.14
N LEU B 219 1.79 12.05 -8.74
CA LEU B 219 1.83 10.72 -8.15
C LEU B 219 3.15 10.33 -7.50
N GLU B 220 4.25 10.53 -8.22
CA GLU B 220 5.57 10.19 -7.70
C GLU B 220 5.91 10.94 -6.42
N ASP B 221 5.60 12.23 -6.39
CA ASP B 221 5.86 13.05 -5.21
C ASP B 221 5.01 12.55 -4.06
N THR B 222 3.77 12.19 -4.37
CA THR B 222 2.81 11.68 -3.39
C THR B 222 3.29 10.33 -2.87
N PHE B 223 3.68 9.46 -3.79
CA PHE B 223 4.16 8.13 -3.44
C PHE B 223 5.41 8.19 -2.57
N LEU B 224 6.22 9.22 -2.77
CA LEU B 224 7.45 9.42 -2.00
C LEU B 224 7.12 9.60 -0.50
N LYS B 225 6.20 10.49 -0.21
CA LYS B 225 5.78 10.73 1.17
C LYS B 225 5.25 9.44 1.82
N MET B 226 4.55 8.61 1.04
CA MET B 226 4.02 7.36 1.57
C MET B 226 5.15 6.40 1.92
N VAL B 227 6.13 6.30 1.02
CA VAL B 227 7.29 5.42 1.24
C VAL B 227 8.02 5.80 2.53
N LYS B 228 8.30 7.08 2.69
CA LYS B 228 8.99 7.56 3.89
C LYS B 228 8.21 7.20 5.17
N VAL B 229 6.88 7.27 5.10
CA VAL B 229 6.04 6.94 6.25
C VAL B 229 6.02 5.44 6.51
N LEU B 230 5.70 4.65 5.49
CA LEU B 230 5.64 3.19 5.65
C LEU B 230 6.99 2.63 6.03
N ARG B 231 8.02 3.13 5.35
CA ARG B 231 9.41 2.75 5.58
C ARG B 231 9.74 2.73 7.08
N ALA B 232 9.44 3.83 7.76
CA ALA B 232 9.69 3.95 9.19
C ALA B 232 8.83 3.00 10.02
N GLU B 233 7.57 2.85 9.64
CA GLU B 233 6.68 1.95 10.39
C GLU B 233 7.14 0.50 10.28
N ARG B 234 7.70 0.16 9.12
CA ARG B 234 8.21 -1.19 8.89
C ARG B 234 9.45 -1.40 9.76
N GLU B 235 10.36 -0.43 9.75
CA GLU B 235 11.57 -0.51 10.57
C GLU B 235 11.21 -0.82 12.01
N PHE B 236 10.20 -0.12 12.51
CA PHE B 236 9.74 -0.32 13.88
C PHE B 236 9.16 -1.73 14.09
N LEU B 237 8.40 -2.22 13.11
CA LEU B 237 7.82 -3.56 13.21
C LEU B 237 8.93 -4.60 13.17
N GLU B 238 9.80 -4.49 12.18
CA GLU B 238 10.92 -5.42 12.02
C GLU B 238 11.75 -5.45 13.30
N GLU B 239 11.88 -4.28 13.91
CA GLU B 239 12.65 -4.10 15.13
C GLU B 239 12.01 -4.88 16.28
N GLU B 240 10.75 -4.56 16.58
CA GLU B 240 10.02 -5.21 17.66
C GLU B 240 9.86 -6.71 17.45
N ALA B 241 9.78 -7.14 16.20
CA ALA B 241 9.62 -8.56 15.88
C ALA B 241 10.89 -9.33 16.22
N GLN B 242 12.02 -8.91 15.64
CA GLN B 242 13.30 -9.56 15.89
C GLN B 242 13.54 -9.69 17.39
N LYS B 243 13.22 -8.62 18.10
CA LYS B 243 13.37 -8.54 19.54
C LYS B 243 12.59 -9.68 20.21
N LEU B 244 11.31 -9.79 19.86
CA LEU B 244 10.43 -10.82 20.42
C LEU B 244 10.93 -12.20 20.03
N TYR B 245 11.38 -12.34 18.79
CA TYR B 245 11.88 -13.59 18.25
C TYR B 245 12.86 -14.28 19.19
N LYS B 246 13.91 -13.57 19.58
CA LYS B 246 14.93 -14.11 20.48
C LYS B 246 14.35 -14.54 21.83
N GLU B 247 13.35 -13.81 22.30
CA GLU B 247 12.74 -14.11 23.60
C GLU B 247 11.92 -15.40 23.57
N VAL B 248 11.27 -15.66 22.45
CA VAL B 248 10.43 -16.85 22.31
C VAL B 248 11.18 -18.01 21.66
N LYS B 249 12.01 -17.70 20.68
CA LYS B 249 12.79 -18.72 19.98
C LYS B 249 13.85 -19.27 20.95
N LYS B 250 13.79 -20.57 21.20
CA LYS B 250 14.73 -21.22 22.10
C LYS B 250 15.02 -22.63 21.65
N GLY B 251 16.13 -22.78 20.91
CA GLY B 251 16.52 -24.09 20.40
C GLY B 251 16.02 -24.26 18.99
N ASN B 252 14.79 -24.77 18.87
CA ASN B 252 14.19 -24.97 17.55
C ASN B 252 12.68 -25.12 17.71
N CYS B 253 12.12 -24.32 18.61
CA CYS B 253 10.69 -24.29 18.88
C CYS B 253 10.34 -22.90 19.40
N LEU B 254 9.06 -22.62 19.59
CA LEU B 254 8.62 -21.32 20.07
C LEU B 254 7.81 -21.39 21.35
N ASP B 255 8.20 -20.55 22.32
CA ASP B 255 7.53 -20.50 23.61
C ASP B 255 6.10 -19.99 23.39
N VAL B 256 5.20 -20.91 23.03
CA VAL B 256 3.81 -20.57 22.76
C VAL B 256 3.08 -19.81 23.86
N LYS B 257 3.18 -20.27 25.09
CA LYS B 257 2.49 -19.60 26.20
C LYS B 257 2.79 -18.10 26.20
N LYS B 258 4.02 -17.75 25.82
CA LYS B 258 4.44 -16.36 25.79
C LYS B 258 4.08 -15.64 24.48
N LEU B 259 4.42 -16.24 23.35
CA LEU B 259 4.12 -15.65 22.05
C LEU B 259 2.63 -15.43 21.87
N LYS B 260 1.84 -16.39 22.35
CA LYS B 260 0.38 -16.35 22.25
C LYS B 260 -0.25 -15.05 22.72
N GLU B 261 0.39 -14.36 23.66
CA GLU B 261 -0.15 -13.12 24.18
C GLU B 261 0.37 -11.84 23.53
N LYS B 262 1.37 -11.98 22.67
CA LYS B 262 1.92 -10.83 21.98
C LYS B 262 0.92 -10.33 20.95
N PRO B 263 1.06 -9.08 20.49
CA PRO B 263 0.13 -8.53 19.50
C PRO B 263 0.11 -9.35 18.21
N LEU B 264 -1.07 -9.48 17.61
CA LEU B 264 -1.25 -10.24 16.38
C LEU B 264 -0.21 -9.91 15.30
N ALA B 265 0.06 -8.62 15.11
CA ALA B 265 1.03 -8.19 14.10
C ALA B 265 2.42 -8.77 14.32
N LEU B 266 2.84 -8.86 15.58
CA LEU B 266 4.16 -9.40 15.89
C LEU B 266 4.18 -10.92 15.77
N GLN B 267 3.08 -11.57 16.13
CA GLN B 267 2.99 -13.02 16.04
C GLN B 267 3.31 -13.46 14.62
N ARG B 268 2.73 -12.76 13.65
CA ARG B 268 2.95 -13.08 12.23
C ARG B 268 4.40 -12.88 11.80
N ARG B 269 5.06 -11.86 12.34
CA ARG B 269 6.45 -11.58 11.99
C ARG B 269 7.37 -12.66 12.53
N VAL B 270 7.13 -13.05 13.78
CA VAL B 270 7.94 -14.07 14.43
C VAL B 270 7.82 -15.39 13.68
N ILE B 271 6.59 -15.76 13.35
CA ILE B 271 6.33 -17.00 12.64
C ILE B 271 6.96 -16.96 11.25
N ARG B 272 6.91 -15.79 10.60
CA ARG B 272 7.50 -15.64 9.27
C ARG B 272 8.98 -16.03 9.29
N LYS B 273 9.67 -15.60 10.33
CA LYS B 273 11.10 -15.87 10.47
C LYS B 273 11.36 -17.28 11.01
N PHE B 274 10.40 -17.84 11.73
CA PHE B 274 10.57 -19.17 12.30
C PHE B 274 10.35 -20.30 11.28
N ILE B 275 9.33 -20.17 10.44
CA ILE B 275 9.04 -21.20 9.45
C ILE B 275 9.64 -20.88 8.09
N GLY B 276 10.47 -19.84 8.04
CA GLY B 276 11.13 -19.45 6.80
C GLY B 276 10.25 -19.07 5.63
N GLU B 277 9.15 -19.80 5.44
CA GLU B 277 8.24 -19.51 4.33
C GLU B 277 7.22 -18.48 4.80
N LYS B 278 7.30 -17.29 4.23
CA LYS B 278 6.40 -16.20 4.60
C LYS B 278 5.28 -15.96 3.59
N ASP B 279 4.17 -16.67 3.78
CA ASP B 279 3.00 -16.57 2.91
C ASP B 279 1.78 -16.56 3.81
N TYR B 280 0.90 -15.57 3.60
CA TYR B 280 -0.28 -15.42 4.44
C TYR B 280 -0.97 -16.69 4.91
N GLU B 281 -1.22 -17.62 3.99
CA GLU B 281 -1.90 -18.86 4.36
C GLU B 281 -1.06 -19.82 5.19
N LYS B 282 0.25 -19.82 4.96
CA LYS B 282 1.17 -20.67 5.73
C LYS B 282 1.17 -20.17 7.17
N VAL B 283 1.54 -18.90 7.33
CA VAL B 283 1.62 -18.23 8.62
C VAL B 283 0.35 -18.35 9.46
N GLU B 284 -0.80 -18.05 8.86
CA GLU B 284 -2.07 -18.13 9.57
C GLU B 284 -2.39 -19.56 10.02
N LEU B 285 -1.97 -20.53 9.21
CA LEU B 285 -2.21 -21.93 9.50
C LEU B 285 -1.44 -22.30 10.78
N VAL B 286 -0.14 -21.97 10.79
CA VAL B 286 0.71 -22.24 11.92
C VAL B 286 0.27 -21.46 13.16
N ARG B 287 -0.04 -20.17 12.98
CA ARG B 287 -0.44 -19.33 14.09
C ARG B 287 -1.68 -19.85 14.81
N SER B 288 -2.40 -20.76 14.16
CA SER B 288 -3.61 -21.33 14.75
C SER B 288 -3.26 -22.29 15.88
N LEU B 289 -2.04 -22.82 15.85
CA LEU B 289 -1.56 -23.74 16.86
C LEU B 289 -1.43 -23.08 18.23
N LEU B 290 -0.83 -21.90 18.26
CA LEU B 290 -0.63 -21.16 19.51
C LEU B 290 -1.81 -21.29 20.47
N GLU B 291 -3.00 -21.12 19.94
CA GLU B 291 -4.21 -21.20 20.75
C GLU B 291 -4.90 -22.55 20.58
N LYS B 292 -4.57 -23.49 21.48
CA LYS B 292 -5.14 -24.83 21.45
C LYS B 292 -5.03 -25.40 20.03
N GLY B 293 -3.91 -26.06 19.74
CA GLY B 293 -3.74 -26.63 18.41
C GLY B 293 -3.03 -27.97 18.37
N GLY B 294 -3.23 -28.69 17.27
CA GLY B 294 -2.60 -29.99 17.12
C GLY B 294 -1.26 -29.94 16.40
N GLU B 295 -1.27 -30.28 15.12
CA GLU B 295 -0.06 -30.29 14.31
C GLU B 295 -0.33 -29.83 12.87
N VAL B 296 0.68 -29.23 12.24
CA VAL B 296 0.53 -28.74 10.86
C VAL B 296 1.68 -29.20 9.97
N ASN B 297 1.43 -29.27 8.67
CA ASN B 297 2.43 -29.71 7.71
C ASN B 297 2.57 -28.78 6.51
N LEU B 298 3.77 -28.76 5.92
CA LEU B 298 4.07 -27.94 4.75
C LEU B 298 5.28 -28.58 4.06
N GLY B 299 6.47 -28.11 4.42
CA GLY B 299 7.70 -28.65 3.87
C GLY B 299 8.34 -29.42 5.01
N LYS B 300 7.78 -29.20 6.20
CA LYS B 300 8.21 -29.82 7.45
C LYS B 300 6.97 -29.87 8.35
N GLY B 301 7.12 -30.32 9.59
CA GLY B 301 5.99 -30.41 10.49
C GLY B 301 6.21 -29.62 11.77
N LYS B 302 5.16 -29.46 12.55
CA LYS B 302 5.24 -28.73 13.82
C LYS B 302 4.13 -29.15 14.77
N VAL B 303 4.48 -29.40 16.03
CA VAL B 303 3.51 -29.84 17.02
C VAL B 303 3.44 -28.93 18.24
N LEU B 304 2.23 -28.71 18.74
CA LEU B 304 2.03 -27.89 19.93
C LEU B 304 2.09 -28.85 21.12
N LYS B 305 2.92 -28.52 22.11
CA LYS B 305 3.08 -29.36 23.29
C LYS B 305 3.46 -28.51 24.51
N ARG B 306 2.63 -27.52 24.82
CA ARG B 306 2.88 -26.62 25.95
C ARG B 306 4.09 -25.75 25.61
N LYS B 307 4.84 -26.18 24.61
CA LYS B 307 6.04 -25.49 24.16
C LYS B 307 5.93 -25.27 22.65
N GLU B 308 6.54 -26.18 21.90
CA GLU B 308 6.54 -26.11 20.43
C GLU B 308 7.56 -27.11 19.90
N ARG B 309 7.40 -27.52 18.64
CA ARG B 309 8.34 -28.46 18.05
C ARG B 309 8.65 -28.10 16.59
N TRP B 310 9.23 -29.05 15.88
CA TRP B 310 9.60 -28.87 14.49
C TRP B 310 10.38 -30.10 14.00
N LEU B 311 9.70 -31.01 13.31
CA LEU B 311 10.35 -32.21 12.81
C LEU B 311 10.16 -32.34 11.30
#